data_7TRU
#
_entry.id   7TRU
#
_cell.length_a   44.297
_cell.length_b   51.591
_cell.length_c   79.477
_cell.angle_alpha   90.000
_cell.angle_beta   92.080
_cell.angle_gamma   90.000
#
_symmetry.space_group_name_H-M   'P 1 21 1'
#
loop_
_entity.id
_entity.type
_entity.pdbx_description
1 polymer 'Cytochrome P450'
2 non-polymer '4-(thiophen-2-yl)benzoic acid'
3 non-polymer 'PROTOPORPHYRIN IX CONTAINING FE'
4 non-polymer 'CHLORIDE ION'
5 water water
#
_entity_poly.entity_id   1
_entity_poly.type   'polypeptide(L)'
_entity_poly.pdbx_seq_one_letter_code
;MISNSSAESISAPPNDSTIPHLAIDPFSLDFFDDPYPDQQTLRDAGPVVYLDKWNVYGVARYAEVHAVLNDPTTFCSSRG
VGLSDFKKEKPWRPPSLILEADPPAHTRPRAVLSKVLSPATMKTIRDGFAAAADAKVDELLQRGCIDAIADLAEAYPLSV
FPDAMGLKQEGREHLLPYAGLVFNAFGPPNELRQTAIERSAPHQAYVNEQCQRPNLAPGGFGACIHAFTDTGEITPDEAP
LLVRSLLSAGLDTTVNGIGAAVYCLARFPGELQRLRSDPTLARNAFEEAVRFESPVQTFFRTTTREVELGGAVIGEGEKV
LMFLGSANRDPRRWSDPDLYDITRKTSGHVGFGSGVHMCVGQLVARLEGEVMLSALARKVAAIDIDGPVKRRFNNTLRGL
ESLPVKLTPA
;
_entity_poly.pdbx_strand_id   A
#
# COMPACT_ATOMS: atom_id res chain seq x y z
N THR A 18 -20.04 -27.32 2.46
CA THR A 18 -19.64 -26.60 3.66
C THR A 18 -19.22 -25.18 3.35
N ILE A 19 -18.39 -25.02 2.33
CA ILE A 19 -17.85 -23.72 1.95
C ILE A 19 -18.66 -23.18 0.77
N PRO A 20 -19.21 -21.98 0.86
CA PRO A 20 -19.98 -21.44 -0.27
C PRO A 20 -19.09 -21.08 -1.43
N HIS A 21 -19.59 -21.32 -2.63
CA HIS A 21 -18.92 -20.99 -3.87
C HIS A 21 -19.57 -19.74 -4.47
N LEU A 22 -18.76 -18.72 -4.75
CA LEU A 22 -19.25 -17.51 -5.37
C LEU A 22 -18.57 -17.25 -6.71
N ALA A 23 -19.31 -16.60 -7.62
CA ALA A 23 -18.82 -16.23 -8.94
C ALA A 23 -18.25 -14.82 -9.02
N ILE A 24 -18.26 -14.07 -7.91
CA ILE A 24 -17.72 -12.72 -7.89
C ILE A 24 -16.27 -12.74 -8.35
N ASP A 25 -15.93 -11.81 -9.23
CA ASP A 25 -14.56 -11.64 -9.68
C ASP A 25 -13.97 -10.39 -9.02
N PRO A 26 -13.13 -10.53 -8.00
CA PRO A 26 -12.61 -9.36 -7.29
C PRO A 26 -11.54 -8.62 -8.06
N PHE A 27 -11.27 -9.03 -9.29
CA PHE A 27 -10.28 -8.37 -10.16
C PHE A 27 -10.96 -7.82 -11.41
N SER A 28 -12.28 -7.66 -11.39
CA SER A 28 -13.03 -7.13 -12.53
C SER A 28 -13.20 -5.61 -12.37
N LEU A 29 -13.39 -4.93 -13.51
CA LEU A 29 -13.54 -3.48 -13.45
C LEU A 29 -14.81 -3.11 -12.68
N ASP A 30 -15.87 -3.91 -12.80
CA ASP A 30 -17.09 -3.64 -12.05
C ASP A 30 -16.81 -3.65 -10.55
N PHE A 31 -16.06 -4.64 -10.08
CA PHE A 31 -15.71 -4.74 -8.66
C PHE A 31 -14.88 -3.52 -8.23
N PHE A 32 -13.85 -3.16 -9.01
CA PHE A 32 -13.04 -2.00 -8.65
C PHE A 32 -13.89 -0.74 -8.57
N ASP A 33 -14.83 -0.57 -9.50
CA ASP A 33 -15.63 0.65 -9.52
C ASP A 33 -16.41 0.83 -8.22
N ASP A 34 -16.91 -0.27 -7.63
CA ASP A 34 -17.62 -0.17 -6.37
C ASP A 34 -17.58 -1.51 -5.66
N PRO A 35 -16.59 -1.74 -4.80
CA PRO A 35 -16.38 -3.07 -4.23
C PRO A 35 -17.23 -3.34 -3.00
N TYR A 36 -17.89 -2.34 -2.44
CA TYR A 36 -18.44 -2.47 -1.10
C TYR A 36 -19.61 -3.45 -1.03
N PRO A 37 -20.56 -3.42 -1.96
CA PRO A 37 -21.66 -4.42 -1.90
C PRO A 37 -21.14 -5.84 -2.03
N ASP A 38 -20.26 -6.09 -3.00
CA ASP A 38 -19.73 -7.44 -3.15
C ASP A 38 -18.91 -7.87 -1.93
N GLN A 39 -18.20 -6.93 -1.29
CA GLN A 39 -17.49 -7.28 -0.07
C GLN A 39 -18.44 -7.69 1.06
N GLN A 40 -19.57 -6.99 1.20
CA GLN A 40 -20.57 -7.47 2.15
C GLN A 40 -21.05 -8.86 1.78
N THR A 41 -21.34 -9.11 0.50
CA THR A 41 -21.76 -10.44 0.08
C THR A 41 -20.71 -11.49 0.48
N LEU A 42 -19.42 -11.18 0.26
CA LEU A 42 -18.37 -12.13 0.64
C LEU A 42 -18.30 -12.34 2.15
N ARG A 43 -18.42 -11.26 2.94
CA ARG A 43 -18.36 -11.43 4.39
C ARG A 43 -19.56 -12.25 4.88
N ASP A 44 -20.74 -11.95 4.34
CA ASP A 44 -21.96 -12.52 4.89
C ASP A 44 -22.19 -13.94 4.38
N ALA A 45 -21.49 -14.36 3.33
CA ALA A 45 -21.62 -15.73 2.85
C ALA A 45 -21.02 -16.75 3.82
N GLY A 46 -20.05 -16.36 4.64
CA GLY A 46 -19.39 -17.24 5.58
C GLY A 46 -17.97 -16.79 5.86
N PRO A 47 -17.34 -17.34 6.90
CA PRO A 47 -15.95 -16.94 7.18
C PRO A 47 -14.99 -17.30 6.08
N VAL A 48 -15.24 -18.35 5.31
CA VAL A 48 -14.37 -18.77 4.21
C VAL A 48 -15.23 -19.07 3.00
N VAL A 49 -14.89 -18.48 1.86
CA VAL A 49 -15.61 -18.72 0.63
C VAL A 49 -14.66 -19.34 -0.39
N TYR A 50 -15.23 -19.91 -1.46
CA TYR A 50 -14.44 -20.35 -2.61
C TYR A 50 -14.83 -19.53 -3.82
N LEU A 51 -13.84 -18.90 -4.45
CA LEU A 51 -14.09 -18.06 -5.63
C LEU A 51 -13.87 -18.90 -6.88
N ASP A 52 -14.97 -19.35 -7.49
CA ASP A 52 -14.92 -20.22 -8.67
C ASP A 52 -14.22 -19.59 -9.86
N LYS A 53 -14.22 -18.25 -9.97
CA LYS A 53 -13.63 -17.60 -11.13
C LYS A 53 -12.13 -17.88 -11.22
N TRP A 54 -11.46 -18.02 -10.07
CA TRP A 54 -10.01 -18.12 -10.04
C TRP A 54 -9.50 -19.33 -9.29
N ASN A 55 -10.39 -20.18 -8.78
CA ASN A 55 -10.00 -21.37 -8.00
C ASN A 55 -9.12 -21.01 -6.80
N VAL A 56 -9.59 -20.05 -6.00
CA VAL A 56 -8.91 -19.66 -4.77
C VAL A 56 -9.93 -19.57 -3.64
N TYR A 57 -9.45 -19.77 -2.41
CA TYR A 57 -10.25 -19.47 -1.24
C TYR A 57 -10.20 -17.97 -0.96
N GLY A 58 -11.24 -17.46 -0.32
CA GLY A 58 -11.28 -16.06 0.06
C GLY A 58 -11.73 -15.88 1.49
N VAL A 59 -11.13 -14.89 2.16
CA VAL A 59 -11.55 -14.47 3.50
C VAL A 59 -11.76 -12.96 3.49
N ALA A 60 -12.95 -12.52 3.88
CA ALA A 60 -13.30 -11.10 3.85
C ALA A 60 -13.65 -10.50 5.20
N ARG A 61 -13.79 -11.31 6.24
CA ARG A 61 -14.04 -10.78 7.57
C ARG A 61 -12.73 -10.43 8.27
N TYR A 62 -12.80 -9.43 9.16
CA TYR A 62 -11.64 -9.04 9.93
C TYR A 62 -11.00 -10.22 10.66
N ALA A 63 -11.82 -11.04 11.34
CA ALA A 63 -11.27 -12.12 12.15
C ALA A 63 -10.36 -13.06 11.34
N GLU A 64 -10.84 -13.53 10.18
CA GLU A 64 -10.07 -14.50 9.40
C GLU A 64 -8.89 -13.85 8.69
N VAL A 65 -9.06 -12.61 8.20
CA VAL A 65 -7.92 -11.90 7.59
C VAL A 65 -6.80 -11.77 8.62
N HIS A 66 -7.16 -11.35 9.83
CA HIS A 66 -6.18 -11.18 10.88
C HIS A 66 -5.53 -12.52 11.27
N ALA A 67 -6.34 -13.59 11.35
CA ALA A 67 -5.78 -14.91 11.68
C ALA A 67 -4.80 -15.39 10.62
N VAL A 68 -5.16 -15.22 9.34
CA VAL A 68 -4.29 -15.67 8.26
C VAL A 68 -2.97 -14.90 8.30
N LEU A 69 -3.06 -13.58 8.40
CA LEU A 69 -1.83 -12.78 8.41
C LEU A 69 -0.89 -13.19 9.53
N ASN A 70 -1.44 -13.61 10.66
CA ASN A 70 -0.67 -13.89 11.86
C ASN A 70 -0.26 -15.36 12.01
N ASP A 71 -0.47 -16.17 11.00
CA ASP A 71 0.07 -17.54 10.97
C ASP A 71 0.87 -17.72 9.69
N PRO A 72 2.08 -17.16 9.65
CA PRO A 72 2.91 -17.27 8.43
C PRO A 72 3.43 -18.68 8.17
N THR A 73 3.52 -19.54 9.17
CA THR A 73 3.95 -20.91 8.93
C THR A 73 2.94 -21.66 8.07
N THR A 74 1.66 -21.54 8.41
CA THR A 74 0.60 -22.23 7.67
C THR A 74 0.25 -21.48 6.39
N PHE A 75 0.20 -20.15 6.47
CA PHE A 75 -0.19 -19.30 5.34
C PHE A 75 1.06 -18.56 4.87
N CYS A 76 1.84 -19.21 4.01
CA CYS A 76 3.17 -18.73 3.70
C CYS A 76 3.16 -17.67 2.59
N SER A 77 4.28 -16.95 2.50
CA SER A 77 4.50 -15.93 1.47
C SER A 77 5.51 -16.34 0.40
N SER A 78 6.30 -17.39 0.64
CA SER A 78 7.38 -17.75 -0.27
C SER A 78 6.88 -18.42 -1.55
N ARG A 79 5.61 -18.83 -1.61
CA ARG A 79 5.02 -19.25 -2.87
C ARG A 79 4.32 -18.12 -3.60
N GLY A 80 4.58 -16.88 -3.19
CA GLY A 80 4.03 -15.70 -3.84
C GLY A 80 2.83 -15.14 -3.10
N VAL A 81 2.70 -13.82 -3.13
CA VAL A 81 1.53 -13.16 -2.55
C VAL A 81 0.56 -12.69 -3.62
N GLY A 82 0.80 -13.07 -4.86
CA GLY A 82 -0.15 -12.93 -5.94
C GLY A 82 -0.89 -14.25 -6.20
N LEU A 83 -1.70 -14.25 -7.25
CA LEU A 83 -2.43 -15.47 -7.59
C LEU A 83 -1.46 -16.58 -7.97
N SER A 84 -0.38 -16.22 -8.65
N SER A 84 -0.39 -16.22 -8.68
CA SER A 84 0.54 -17.24 -9.15
CA SER A 84 0.56 -17.22 -9.13
C SER A 84 1.25 -17.95 -8.00
C SER A 84 1.18 -17.97 -7.95
N ASP A 85 1.34 -19.28 -8.11
CA ASP A 85 2.00 -20.12 -7.11
C ASP A 85 3.41 -20.37 -7.66
N PHE A 86 4.44 -19.87 -6.94
CA PHE A 86 5.82 -20.03 -7.39
C PHE A 86 6.28 -21.48 -7.46
N LYS A 87 5.57 -22.40 -6.81
CA LYS A 87 5.84 -23.82 -6.96
C LYS A 87 5.36 -24.38 -8.30
N LYS A 88 4.48 -23.65 -8.99
CA LYS A 88 3.87 -24.08 -10.25
C LYS A 88 4.33 -23.26 -11.45
N GLU A 89 4.56 -21.95 -11.27
CA GLU A 89 4.91 -21.06 -12.37
C GLU A 89 6.14 -20.27 -11.99
N LYS A 90 6.83 -19.77 -12.98
CA LYS A 90 8.01 -18.95 -12.75
C LYS A 90 7.58 -17.54 -12.38
N PRO A 91 8.16 -16.94 -11.34
CA PRO A 91 7.81 -15.54 -11.03
C PRO A 91 8.20 -14.64 -12.18
N TRP A 92 7.45 -13.54 -12.34
CA TRP A 92 7.72 -12.62 -13.45
C TRP A 92 9.03 -11.84 -13.27
N ARG A 93 9.53 -11.71 -12.06
CA ARG A 93 10.82 -11.15 -11.74
C ARG A 93 11.38 -11.95 -10.57
N PRO A 94 12.71 -11.91 -10.36
CA PRO A 94 13.29 -12.62 -9.21
C PRO A 94 12.53 -12.28 -7.93
N PRO A 95 12.20 -13.27 -7.10
CA PRO A 95 11.38 -12.99 -5.91
C PRO A 95 11.99 -11.96 -4.97
N SER A 96 11.13 -11.16 -4.36
CA SER A 96 11.56 -10.27 -3.31
C SER A 96 12.13 -11.06 -2.14
N LEU A 97 13.25 -10.58 -1.60
CA LEU A 97 13.91 -11.20 -0.46
C LEU A 97 13.19 -10.96 0.84
N ILE A 98 12.19 -10.08 0.84
CA ILE A 98 11.46 -9.79 2.06
C ILE A 98 9.97 -10.15 1.91
N LEU A 99 9.28 -9.60 0.90
CA LEU A 99 7.84 -9.84 0.77
C LEU A 99 7.56 -11.30 0.47
N GLU A 100 8.38 -11.92 -0.37
CA GLU A 100 8.16 -13.25 -0.90
C GLU A 100 9.10 -14.25 -0.25
N ALA A 101 9.34 -14.07 1.04
CA ALA A 101 10.19 -14.94 1.85
C ALA A 101 9.48 -15.22 3.18
N ASP A 102 9.70 -16.41 3.71
CA ASP A 102 9.16 -16.80 4.99
C ASP A 102 10.27 -16.84 6.02
N PRO A 103 9.94 -16.75 7.31
CA PRO A 103 10.93 -17.02 8.35
C PRO A 103 11.47 -18.42 8.18
N PRO A 104 12.78 -18.65 8.38
CA PRO A 104 13.76 -17.67 8.86
C PRO A 104 14.45 -16.85 7.77
N ALA A 105 14.27 -17.18 6.49
CA ALA A 105 14.96 -16.40 5.46
C ALA A 105 14.52 -14.95 5.45
N HIS A 106 13.26 -14.69 5.85
CA HIS A 106 12.72 -13.34 5.89
C HIS A 106 13.40 -12.47 6.94
N THR A 107 13.89 -13.08 8.02
CA THR A 107 14.12 -12.35 9.27
C THR A 107 15.24 -11.33 9.15
N ARG A 108 16.39 -11.70 8.58
CA ARG A 108 17.48 -10.74 8.55
C ARG A 108 17.29 -9.61 7.55
N PRO A 109 16.80 -9.88 6.33
CA PRO A 109 16.46 -8.77 5.43
C PRO A 109 15.43 -7.83 6.03
N ARG A 110 14.42 -8.39 6.72
CA ARG A 110 13.45 -7.56 7.40
C ARG A 110 14.11 -6.65 8.44
N ALA A 111 15.07 -7.19 9.20
CA ALA A 111 15.71 -6.39 10.24
C ALA A 111 16.50 -5.25 9.62
N VAL A 112 17.12 -5.48 8.45
CA VAL A 112 17.86 -4.41 7.79
C VAL A 112 16.93 -3.30 7.33
N LEU A 113 15.84 -3.66 6.66
CA LEU A 113 14.90 -2.62 6.24
C LEU A 113 14.29 -1.88 7.43
N SER A 114 14.05 -2.60 8.54
N SER A 114 14.02 -2.60 8.53
CA SER A 114 13.52 -1.95 9.73
CA SER A 114 13.51 -1.96 9.73
C SER A 114 14.48 -0.91 10.29
C SER A 114 14.49 -0.89 10.23
N LYS A 115 15.80 -1.19 10.23
CA LYS A 115 16.78 -0.22 10.70
C LYS A 115 16.98 0.92 9.71
N VAL A 116 16.88 0.63 8.41
CA VAL A 116 17.00 1.67 7.40
C VAL A 116 15.84 2.67 7.50
N LEU A 117 14.64 2.19 7.80
CA LEU A 117 13.42 3.01 7.87
C LEU A 117 12.97 3.17 9.32
N SER A 118 13.92 3.40 10.21
CA SER A 118 13.63 3.23 11.63
C SER A 118 13.14 4.51 12.26
N PRO A 119 12.52 4.38 13.44
CA PRO A 119 12.11 5.58 14.20
C PRO A 119 13.20 6.62 14.25
N ALA A 120 14.45 6.18 14.47
CA ALA A 120 15.56 7.12 14.50
C ALA A 120 15.79 7.77 13.15
N THR A 121 15.61 7.03 12.05
CA THR A 121 15.82 7.62 10.72
C THR A 121 14.77 8.70 10.39
N MET A 122 13.54 8.54 10.88
CA MET A 122 12.51 9.53 10.56
C MET A 122 12.93 10.93 11.02
N LYS A 123 13.71 11.01 12.08
CA LYS A 123 14.17 12.32 12.56
C LYS A 123 15.05 13.03 11.53
N THR A 124 15.81 12.27 10.74
N THR A 124 15.85 12.30 10.76
CA THR A 124 16.73 12.83 9.75
CA THR A 124 16.70 13.01 9.80
C THR A 124 16.02 13.38 8.52
C THR A 124 15.90 13.61 8.66
N ILE A 125 14.77 12.99 8.27
CA ILE A 125 14.04 13.41 7.08
C ILE A 125 12.82 14.29 7.37
N ARG A 126 12.36 14.37 8.63
CA ARG A 126 11.06 14.99 8.90
C ARG A 126 11.03 16.46 8.49
N ASP A 127 12.09 17.22 8.78
CA ASP A 127 12.04 18.65 8.50
C ASP A 127 11.88 18.90 7.00
N GLY A 128 12.62 18.14 6.19
CA GLY A 128 12.54 18.31 4.75
C GLY A 128 11.21 17.87 4.18
N PHE A 129 10.68 16.75 4.69
CA PHE A 129 9.38 16.27 4.23
C PHE A 129 8.28 17.28 4.56
N ALA A 130 8.34 17.84 5.76
CA ALA A 130 7.33 18.82 6.18
C ALA A 130 7.43 20.10 5.37
N ALA A 131 8.64 20.62 5.17
CA ALA A 131 8.77 21.83 4.36
C ALA A 131 8.26 21.62 2.94
N ALA A 132 8.53 20.45 2.35
CA ALA A 132 8.04 20.16 0.99
C ALA A 132 6.52 20.07 0.94
N ALA A 133 5.89 19.59 2.01
CA ALA A 133 4.42 19.53 2.05
C ALA A 133 3.82 20.91 2.15
N ASP A 134 4.35 21.75 3.05
CA ASP A 134 3.90 23.14 3.15
C ASP A 134 4.10 23.87 1.83
N ALA A 135 5.25 23.66 1.18
CA ALA A 135 5.53 24.34 -0.08
C ALA A 135 4.55 23.93 -1.16
N LYS A 136 4.23 22.63 -1.24
CA LYS A 136 3.28 22.16 -2.24
C LYS A 136 1.90 22.74 -2.01
N VAL A 137 1.45 22.78 -0.76
CA VAL A 137 0.13 23.34 -0.49
C VAL A 137 0.09 24.84 -0.82
N ASP A 138 1.15 25.58 -0.50
CA ASP A 138 1.20 26.99 -0.88
C ASP A 138 1.14 27.15 -2.40
N GLU A 139 1.87 26.31 -3.13
CA GLU A 139 1.84 26.38 -4.59
C GLU A 139 0.45 26.10 -5.12
N LEU A 140 -0.19 25.05 -4.61
CA LEU A 140 -1.52 24.68 -5.09
C LEU A 140 -2.54 25.78 -4.80
N LEU A 141 -2.42 26.46 -3.66
CA LEU A 141 -3.35 27.54 -3.34
C LEU A 141 -3.23 28.72 -4.30
N GLN A 142 -2.05 28.93 -4.90
CA GLN A 142 -1.92 29.96 -5.91
C GLN A 142 -2.70 29.63 -7.17
N ARG A 143 -2.84 28.35 -7.50
CA ARG A 143 -3.64 27.93 -8.65
C ARG A 143 -5.12 27.80 -8.33
N GLY A 144 -5.47 27.44 -7.08
CA GLY A 144 -6.86 27.36 -6.66
C GLY A 144 -7.55 26.08 -7.08
N CYS A 145 -7.80 25.91 -8.38
CA CYS A 145 -8.39 24.69 -8.91
C CYS A 145 -7.28 23.79 -9.46
N ILE A 146 -7.19 22.57 -8.92
CA ILE A 146 -6.08 21.66 -9.18
C ILE A 146 -6.64 20.25 -9.29
N ASP A 147 -5.79 19.32 -9.71
CA ASP A 147 -6.12 17.89 -9.71
C ASP A 147 -5.38 17.29 -8.52
N ALA A 148 -6.13 16.89 -7.50
CA ALA A 148 -5.51 16.41 -6.27
C ALA A 148 -4.75 15.10 -6.47
N ILE A 149 -4.87 14.47 -7.64
CA ILE A 149 -4.04 13.30 -7.91
C ILE A 149 -2.72 13.77 -8.50
N ALA A 150 -2.71 14.15 -9.79
CA ALA A 150 -1.45 14.53 -10.41
C ALA A 150 -0.72 15.63 -9.65
N ASP A 151 -1.46 16.64 -9.16
CA ASP A 151 -0.83 17.83 -8.62
C ASP A 151 -0.50 17.73 -7.13
N LEU A 152 -0.98 16.70 -6.44
CA LEU A 152 -0.78 16.62 -5.00
C LEU A 152 -0.39 15.21 -4.57
N ALA A 153 -1.32 14.25 -4.73
CA ALA A 153 -1.05 12.87 -4.32
C ALA A 153 0.16 12.27 -5.04
N GLU A 154 0.33 12.54 -6.33
CA GLU A 154 1.52 12.13 -7.05
C GLU A 154 2.67 13.11 -6.84
N ALA A 155 2.39 14.41 -6.99
CA ALA A 155 3.48 15.38 -7.01
C ALA A 155 4.24 15.44 -5.69
N TYR A 156 3.54 15.35 -4.56
CA TYR A 156 4.22 15.43 -3.27
C TYR A 156 5.15 14.26 -3.02
N PRO A 157 4.71 13.01 -3.07
CA PRO A 157 5.68 11.90 -2.91
C PRO A 157 6.80 11.92 -3.93
N LEU A 158 6.51 12.29 -5.17
CA LEU A 158 7.60 12.39 -6.14
C LEU A 158 8.62 13.46 -5.73
N SER A 159 8.20 14.47 -4.97
CA SER A 159 9.12 15.54 -4.60
C SER A 159 9.98 15.21 -3.39
N VAL A 160 9.68 14.13 -2.65
CA VAL A 160 10.43 13.78 -1.45
C VAL A 160 11.03 12.37 -1.50
N PHE A 161 10.29 11.38 -2.04
CA PHE A 161 10.72 10.00 -1.86
C PHE A 161 11.90 9.59 -2.75
N PRO A 162 11.88 9.85 -4.06
CA PRO A 162 13.08 9.57 -4.88
C PRO A 162 14.33 10.22 -4.32
N ASP A 163 14.24 11.46 -3.83
CA ASP A 163 15.41 12.08 -3.23
C ASP A 163 15.84 11.37 -1.95
N ALA A 164 14.89 10.96 -1.12
CA ALA A 164 15.26 10.26 0.11
C ALA A 164 15.87 8.89 -0.19
N MET A 165 15.50 8.29 -1.31
CA MET A 165 16.12 7.04 -1.76
C MET A 165 17.55 7.26 -2.22
N GLY A 166 17.84 8.48 -2.68
CA GLY A 166 19.12 8.76 -3.30
C GLY A 166 19.18 8.55 -4.80
N LEU A 167 18.05 8.56 -5.49
CA LEU A 167 18.02 8.37 -6.95
C LEU A 167 18.46 9.64 -7.68
N LYS A 168 19.17 9.45 -8.80
CA LYS A 168 19.42 10.56 -9.70
C LYS A 168 18.09 11.11 -10.24
N GLN A 169 18.15 12.29 -10.85
CA GLN A 169 16.94 12.89 -11.43
C GLN A 169 16.47 12.15 -12.67
N GLU A 170 17.40 11.77 -13.55
CA GLU A 170 17.02 11.20 -14.84
C GLU A 170 16.29 9.88 -14.65
N GLY A 171 15.20 9.69 -15.38
CA GLY A 171 14.52 8.41 -15.41
C GLY A 171 13.45 8.21 -14.37
N ARG A 172 13.19 9.21 -13.53
CA ARG A 172 12.20 9.03 -12.47
C ARG A 172 10.81 8.76 -13.00
N GLU A 173 10.53 9.13 -14.26
CA GLU A 173 9.25 8.82 -14.87
C GLU A 173 8.98 7.31 -14.96
N HIS A 174 10.00 6.47 -14.71
CA HIS A 174 9.77 5.02 -14.71
C HIS A 174 9.17 4.50 -13.40
N LEU A 175 9.17 5.31 -12.33
CA LEU A 175 8.91 4.77 -10.99
C LEU A 175 7.44 4.40 -10.81
N LEU A 176 6.53 5.33 -11.12
CA LEU A 176 5.12 4.99 -11.00
C LEU A 176 4.69 3.87 -11.95
N PRO A 177 5.11 3.86 -13.22
CA PRO A 177 4.79 2.70 -14.07
C PRO A 177 5.31 1.39 -13.52
N TYR A 178 6.54 1.38 -12.97
CA TYR A 178 7.07 0.14 -12.42
C TYR A 178 6.22 -0.34 -11.25
N ALA A 179 5.86 0.56 -10.35
CA ALA A 179 5.03 0.19 -9.20
C ALA A 179 3.66 -0.30 -9.66
N GLY A 180 3.05 0.36 -10.64
CA GLY A 180 1.76 -0.12 -11.13
C GLY A 180 1.87 -1.54 -11.67
N LEU A 181 2.97 -1.81 -12.37
CA LEU A 181 3.25 -3.15 -12.87
C LEU A 181 3.34 -4.16 -11.73
N VAL A 182 4.11 -3.83 -10.69
CA VAL A 182 4.29 -4.74 -9.56
C VAL A 182 2.95 -5.11 -8.94
N PHE A 183 2.12 -4.11 -8.68
CA PHE A 183 0.84 -4.37 -8.03
C PHE A 183 -0.18 -5.02 -8.97
N ASN A 184 -0.15 -4.68 -10.27
CA ASN A 184 -0.99 -5.45 -11.20
C ASN A 184 -0.56 -6.91 -11.29
N ALA A 185 0.74 -7.18 -11.16
CA ALA A 185 1.26 -8.54 -11.31
C ALA A 185 0.87 -9.47 -10.15
N PHE A 186 0.41 -8.93 -9.01
CA PHE A 186 -0.15 -9.82 -7.99
C PHE A 186 -1.51 -10.38 -8.40
N GLY A 187 -2.16 -9.81 -9.43
CA GLY A 187 -3.47 -10.27 -9.79
C GLY A 187 -3.43 -11.51 -10.66
N PRO A 188 -4.61 -11.94 -11.08
CA PRO A 188 -4.70 -13.07 -12.02
C PRO A 188 -4.22 -12.64 -13.39
N PRO A 189 -4.06 -13.58 -14.32
CA PRO A 189 -3.59 -13.22 -15.67
C PRO A 189 -4.71 -12.64 -16.53
N ASN A 190 -5.28 -11.54 -16.05
CA ASN A 190 -6.27 -10.78 -16.81
C ASN A 190 -5.56 -9.75 -17.68
N GLU A 191 -6.35 -8.90 -18.36
CA GLU A 191 -5.75 -7.95 -19.28
C GLU A 191 -4.91 -6.90 -18.57
N LEU A 192 -5.35 -6.45 -17.39
CA LEU A 192 -4.52 -5.51 -16.64
C LEU A 192 -3.15 -6.07 -16.37
N ARG A 193 -3.07 -7.35 -15.98
CA ARG A 193 -1.76 -7.91 -15.68
C ARG A 193 -0.97 -8.16 -16.96
N GLN A 194 -1.62 -8.74 -17.98
CA GLN A 194 -0.88 -9.10 -19.18
C GLN A 194 -0.32 -7.87 -19.89
N THR A 195 -1.11 -6.79 -19.95
N THR A 195 -1.09 -6.78 -19.95
CA THR A 195 -0.65 -5.57 -20.59
CA THR A 195 -0.59 -5.59 -20.62
C THR A 195 0.50 -4.94 -19.82
C THR A 195 0.53 -4.93 -19.82
N ALA A 196 0.42 -4.95 -18.48
CA ALA A 196 1.52 -4.42 -17.67
C ALA A 196 2.82 -5.15 -17.97
N ILE A 197 2.78 -6.48 -17.97
CA ILE A 197 4.00 -7.24 -18.24
C ILE A 197 4.51 -7.00 -19.65
N GLU A 198 3.60 -6.82 -20.62
CA GLU A 198 4.04 -6.59 -22.01
C GLU A 198 4.90 -5.33 -22.12
N ARG A 199 4.58 -4.32 -21.32
CA ARG A 199 5.20 -2.99 -21.38
C ARG A 199 6.37 -2.82 -20.41
N SER A 200 6.77 -3.89 -19.70
CA SER A 200 7.57 -3.76 -18.49
C SER A 200 9.06 -3.56 -18.76
N ALA A 201 9.58 -4.03 -19.90
CA ALA A 201 11.04 -4.11 -20.06
C ALA A 201 11.78 -2.80 -19.74
N PRO A 202 11.37 -1.63 -20.26
CA PRO A 202 12.14 -0.42 -19.96
C PRO A 202 12.09 -0.02 -18.49
N HIS A 203 10.98 -0.28 -17.80
CA HIS A 203 10.88 0.09 -16.39
C HIS A 203 11.71 -0.84 -15.53
N GLN A 204 11.66 -2.14 -15.81
CA GLN A 204 12.55 -3.07 -15.09
C GLN A 204 14.01 -2.72 -15.29
N ALA A 205 14.38 -2.36 -16.52
CA ALA A 205 15.77 -2.06 -16.81
C ALA A 205 16.24 -0.85 -16.02
N TYR A 206 15.43 0.22 -15.99
CA TYR A 206 15.77 1.39 -15.20
C TYR A 206 15.87 1.03 -13.72
N VAL A 207 14.85 0.33 -13.19
CA VAL A 207 14.81 0.09 -11.76
C VAL A 207 15.98 -0.77 -11.33
N ASN A 208 16.25 -1.86 -12.07
CA ASN A 208 17.35 -2.73 -11.69
C ASN A 208 18.67 -1.97 -11.67
N GLU A 209 18.90 -1.12 -12.66
CA GLU A 209 20.14 -0.36 -12.70
C GLU A 209 20.30 0.56 -11.50
N GLN A 210 19.22 1.24 -11.07
CA GLN A 210 19.35 2.17 -9.95
C GLN A 210 19.62 1.45 -8.63
N CYS A 211 19.45 0.13 -8.59
CA CYS A 211 19.64 -0.59 -7.33
C CYS A 211 21.11 -0.90 -7.04
N GLN A 212 22.00 -0.65 -7.99
CA GLN A 212 23.42 -0.92 -7.80
C GLN A 212 24.05 0.20 -6.97
N ARG A 213 24.95 -0.19 -6.07
CA ARG A 213 25.52 0.74 -5.11
C ARG A 213 26.02 2.06 -5.71
N PRO A 214 26.74 2.09 -6.83
CA PRO A 214 27.28 3.38 -7.32
C PRO A 214 26.22 4.38 -7.75
N ASN A 215 24.97 3.95 -7.92
CA ASN A 215 23.93 4.80 -8.44
C ASN A 215 23.04 5.40 -7.35
N LEU A 216 23.40 5.21 -6.08
CA LEU A 216 22.57 5.64 -4.96
C LEU A 216 23.33 6.66 -4.11
N ALA A 217 22.76 7.86 -3.97
CA ALA A 217 23.51 8.98 -3.42
C ALA A 217 23.80 8.78 -1.93
N PRO A 218 24.89 9.33 -1.42
CA PRO A 218 25.25 9.11 -0.02
C PRO A 218 24.15 9.55 0.93
N GLY A 219 23.96 8.77 2.00
CA GLY A 219 23.01 9.11 3.04
C GLY A 219 21.57 8.72 2.79
N GLY A 220 21.18 8.41 1.55
CA GLY A 220 19.81 8.02 1.25
C GLY A 220 19.54 6.57 1.64
N PHE A 221 18.26 6.18 1.50
CA PHE A 221 17.85 4.85 1.93
C PHE A 221 18.63 3.76 1.19
N GLY A 222 18.81 3.93 -0.11
CA GLY A 222 19.54 2.92 -0.88
C GLY A 222 20.97 2.73 -0.41
N ALA A 223 21.69 3.83 -0.21
CA ALA A 223 23.06 3.72 0.26
C ALA A 223 23.10 3.09 1.65
N CYS A 224 22.10 3.38 2.49
CA CYS A 224 22.07 2.79 3.82
CA CYS A 224 22.08 2.79 3.82
C CYS A 224 21.86 1.28 3.75
N ILE A 225 21.05 0.80 2.82
CA ILE A 225 20.87 -0.65 2.65
C ILE A 225 22.20 -1.29 2.29
N HIS A 226 22.90 -0.72 1.30
CA HIS A 226 24.20 -1.26 0.92
C HIS A 226 25.19 -1.20 2.08
N ALA A 227 25.10 -0.18 2.93
CA ALA A 227 26.01 -0.09 4.07
C ALA A 227 25.80 -1.19 5.09
N PHE A 228 24.63 -1.84 5.10
CA PHE A 228 24.38 -2.92 6.04
C PHE A 228 24.97 -4.24 5.58
N THR A 229 25.58 -4.28 4.40
CA THR A 229 26.10 -5.54 3.85
C THR A 229 27.40 -5.97 4.51
N ASP A 230 27.83 -5.23 5.55
N ASP A 230 27.88 -5.30 5.56
CA ASP A 230 29.05 -5.45 6.30
CA ASP A 230 29.09 -5.78 6.22
C ASP A 230 28.83 -6.19 7.61
C ASP A 230 28.85 -6.16 7.67
N THR A 231 27.59 -6.24 8.10
CA THR A 231 27.28 -6.62 9.47
C THR A 231 26.96 -8.09 9.63
N GLY A 232 26.85 -8.82 8.52
CA GLY A 232 26.42 -10.21 8.58
C GLY A 232 24.92 -10.39 8.49
N GLU A 233 24.17 -9.31 8.34
CA GLU A 233 22.72 -9.49 8.19
C GLU A 233 22.32 -9.75 6.76
N ILE A 234 22.93 -9.04 5.81
CA ILE A 234 22.77 -9.31 4.39
C ILE A 234 24.13 -9.27 3.74
N THR A 235 24.25 -9.95 2.62
CA THR A 235 25.47 -9.89 1.84
C THR A 235 25.35 -8.84 0.75
N PRO A 236 26.48 -8.42 0.17
CA PRO A 236 26.42 -7.45 -0.93
C PRO A 236 25.48 -7.81 -2.07
N ASP A 237 25.38 -9.09 -2.44
CA ASP A 237 24.50 -9.48 -3.56
C ASP A 237 23.02 -9.44 -3.20
N GLU A 238 22.67 -9.29 -1.91
CA GLU A 238 21.27 -9.11 -1.52
C GLU A 238 20.84 -7.65 -1.54
N ALA A 239 21.78 -6.71 -1.41
CA ALA A 239 21.39 -5.32 -1.31
C ALA A 239 20.60 -4.81 -2.52
N PRO A 240 20.98 -5.07 -3.77
CA PRO A 240 20.19 -4.50 -4.87
C PRO A 240 18.72 -4.89 -4.83
N LEU A 241 18.42 -6.15 -4.50
CA LEU A 241 17.02 -6.56 -4.45
C LEU A 241 16.27 -5.90 -3.29
N LEU A 242 16.96 -5.57 -2.18
CA LEU A 242 16.31 -4.86 -1.09
C LEU A 242 16.05 -3.40 -1.44
N VAL A 243 16.95 -2.77 -2.21
CA VAL A 243 16.64 -1.47 -2.79
C VAL A 243 15.43 -1.59 -3.70
N ARG A 244 15.37 -2.66 -4.50
CA ARG A 244 14.24 -2.89 -5.38
C ARG A 244 12.93 -2.94 -4.61
N SER A 245 12.95 -3.49 -3.39
CA SER A 245 11.74 -3.54 -2.59
C SER A 245 11.21 -2.15 -2.29
N LEU A 246 12.10 -1.21 -1.95
CA LEU A 246 11.65 0.13 -1.62
C LEU A 246 11.15 0.87 -2.85
N LEU A 247 11.78 0.64 -4.00
CA LEU A 247 11.34 1.22 -5.26
C LEU A 247 10.06 0.57 -5.79
N SER A 248 9.72 -0.63 -5.31
CA SER A 248 8.47 -1.27 -5.69
C SER A 248 7.30 -0.77 -4.84
N ALA A 249 7.47 -0.79 -3.52
CA ALA A 249 6.38 -0.59 -2.58
C ALA A 249 6.35 0.82 -1.97
N GLY A 250 7.36 1.65 -2.21
CA GLY A 250 7.51 2.87 -1.42
C GLY A 250 6.90 4.13 -1.97
N LEU A 251 6.45 4.15 -3.23
CA LEU A 251 5.92 5.36 -3.86
C LEU A 251 4.43 5.27 -4.18
N ASP A 252 4.02 4.28 -4.97
CA ASP A 252 2.64 4.22 -5.45
C ASP A 252 1.65 3.99 -4.30
N THR A 253 2.07 3.28 -3.25
CA THR A 253 1.23 3.10 -2.09
C THR A 253 0.93 4.44 -1.43
N THR A 254 1.97 5.26 -1.23
CA THR A 254 1.78 6.56 -0.60
C THR A 254 0.96 7.50 -1.48
N VAL A 255 1.11 7.42 -2.80
CA VAL A 255 0.29 8.22 -3.70
C VAL A 255 -1.18 7.92 -3.44
N ASN A 256 -1.52 6.64 -3.39
CA ASN A 256 -2.91 6.27 -3.15
C ASN A 256 -3.36 6.55 -1.73
N GLY A 257 -2.47 6.42 -0.74
CA GLY A 257 -2.84 6.82 0.62
C GLY A 257 -3.17 8.30 0.76
N ILE A 258 -2.30 9.16 0.22
CA ILE A 258 -2.56 10.60 0.29
C ILE A 258 -3.78 10.97 -0.53
N GLY A 259 -3.91 10.41 -1.74
CA GLY A 259 -5.10 10.64 -2.53
C GLY A 259 -6.36 10.25 -1.79
N ALA A 260 -6.31 9.10 -1.09
CA ALA A 260 -7.47 8.66 -0.31
C ALA A 260 -7.81 9.67 0.78
N ALA A 261 -6.79 10.15 1.51
CA ALA A 261 -7.05 11.14 2.57
C ALA A 261 -7.67 12.41 2.01
N VAL A 262 -7.16 12.90 0.88
CA VAL A 262 -7.73 14.11 0.31
C VAL A 262 -9.17 13.86 -0.15
N TYR A 263 -9.41 12.70 -0.77
CA TYR A 263 -10.75 12.34 -1.19
C TYR A 263 -11.69 12.28 0.01
N CYS A 264 -11.21 11.73 1.12
CA CYS A 264 -12.06 11.67 2.31
C CYS A 264 -12.38 13.07 2.82
N LEU A 265 -11.37 13.94 2.89
CA LEU A 265 -11.64 15.28 3.40
C LEU A 265 -12.57 16.04 2.46
N ALA A 266 -12.46 15.80 1.16
CA ALA A 266 -13.35 16.43 0.20
C ALA A 266 -14.80 15.95 0.36
N ARG A 267 -14.99 14.67 0.66
CA ARG A 267 -16.33 14.13 0.76
C ARG A 267 -16.97 14.38 2.12
N PHE A 268 -16.16 14.52 3.18
CA PHE A 268 -16.62 14.65 4.56
C PHE A 268 -16.16 16.01 5.09
N PRO A 269 -16.80 17.11 4.67
CA PRO A 269 -16.30 18.43 5.10
C PRO A 269 -16.33 18.65 6.61
N GLY A 270 -17.25 18.00 7.32
CA GLY A 270 -17.24 18.10 8.77
C GLY A 270 -15.94 17.63 9.38
N GLU A 271 -15.31 16.63 8.76
CA GLU A 271 -14.04 16.14 9.27
C GLU A 271 -12.90 17.07 8.89
N LEU A 272 -12.95 17.72 7.72
CA LEU A 272 -11.96 18.75 7.44
C LEU A 272 -12.05 19.86 8.48
N GLN A 273 -13.27 20.22 8.87
CA GLN A 273 -13.45 21.28 9.87
CA GLN A 273 -13.42 21.29 9.85
C GLN A 273 -12.85 20.88 11.21
N ARG A 274 -13.01 19.62 11.60
CA ARG A 274 -12.42 19.18 12.86
C ARG A 274 -10.90 19.16 12.76
N LEU A 275 -10.37 18.74 11.61
CA LEU A 275 -8.93 18.72 11.42
C LEU A 275 -8.33 20.12 11.49
N ARG A 276 -8.97 21.10 10.81
CA ARG A 276 -8.53 22.49 10.92
C ARG A 276 -8.50 22.96 12.36
N SER A 277 -9.50 22.56 13.15
CA SER A 277 -9.57 23.05 14.52
C SER A 277 -8.53 22.41 15.43
N ASP A 278 -8.02 21.22 15.08
CA ASP A 278 -6.91 20.63 15.82
C ASP A 278 -5.99 19.90 14.85
N PRO A 279 -5.00 20.62 14.29
CA PRO A 279 -4.09 19.98 13.33
C PRO A 279 -3.29 18.82 13.90
N THR A 280 -3.25 18.65 15.23
CA THR A 280 -2.54 17.50 15.76
C THR A 280 -3.28 16.20 15.50
N LEU A 281 -4.51 16.26 14.99
CA LEU A 281 -5.24 15.09 14.52
C LEU A 281 -4.75 14.59 13.16
N ALA A 282 -3.77 15.27 12.55
CA ALA A 282 -3.35 14.97 11.19
C ALA A 282 -2.91 13.51 11.04
N ARG A 283 -2.11 13.03 11.99
CA ARG A 283 -1.60 11.66 11.85
C ARG A 283 -2.73 10.64 11.94
N ASN A 284 -3.68 10.83 12.85
CA ASN A 284 -4.79 9.88 12.94
C ASN A 284 -5.77 10.06 11.78
N ALA A 285 -5.93 11.27 11.25
CA ALA A 285 -6.76 11.47 10.07
C ALA A 285 -6.20 10.69 8.88
N PHE A 286 -4.86 10.62 8.76
CA PHE A 286 -4.26 9.82 7.71
C PHE A 286 -4.44 8.33 7.97
N GLU A 287 -4.20 7.89 9.20
CA GLU A 287 -4.40 6.48 9.52
C GLU A 287 -5.84 6.04 9.24
N GLU A 288 -6.81 6.90 9.57
CA GLU A 288 -8.20 6.58 9.30
C GLU A 288 -8.49 6.52 7.79
N ALA A 289 -7.81 7.36 7.00
CA ALA A 289 -7.95 7.26 5.55
C ALA A 289 -7.41 5.93 5.03
N VAL A 290 -6.31 5.45 5.63
CA VAL A 290 -5.76 4.14 5.25
C VAL A 290 -6.74 3.02 5.57
N ARG A 291 -7.41 3.10 6.73
CA ARG A 291 -8.45 2.11 7.04
C ARG A 291 -9.62 2.22 6.07
N PHE A 292 -10.09 3.45 5.84
CA PHE A 292 -11.34 3.70 5.14
C PHE A 292 -11.25 3.35 3.65
N GLU A 293 -10.16 3.73 2.99
CA GLU A 293 -10.02 3.45 1.56
C GLU A 293 -9.13 2.25 1.27
N SER A 294 -8.27 1.86 2.21
CA SER A 294 -7.28 0.79 2.07
C SER A 294 -6.60 0.80 0.70
N PRO A 295 -5.50 1.56 0.54
CA PRO A 295 -4.82 1.61 -0.77
C PRO A 295 -4.42 0.25 -1.30
N VAL A 296 -3.98 -0.65 -0.45
CA VAL A 296 -3.75 -2.04 -0.82
C VAL A 296 -5.00 -2.83 -0.42
N GLN A 297 -5.75 -3.30 -1.41
CA GLN A 297 -7.04 -3.92 -1.19
C GLN A 297 -6.96 -5.42 -0.87
N THR A 298 -6.10 -6.16 -1.57
CA THR A 298 -6.10 -7.61 -1.52
C THR A 298 -4.69 -8.12 -1.79
N PHE A 299 -4.43 -9.32 -1.31
CA PHE A 299 -3.26 -10.12 -1.71
C PHE A 299 -3.42 -11.48 -1.06
N PHE A 300 -2.48 -12.38 -1.34
CA PHE A 300 -2.69 -13.80 -1.10
C PHE A 300 -1.64 -14.37 -0.14
N ARG A 301 -1.97 -15.55 0.38
CA ARG A 301 -1.03 -16.49 0.98
C ARG A 301 -1.25 -17.85 0.32
N THR A 302 -0.33 -18.79 0.58
CA THR A 302 -0.49 -20.17 0.12
C THR A 302 -0.41 -21.11 1.32
N THR A 303 -1.34 -22.06 1.42
CA THR A 303 -1.30 -22.99 2.56
C THR A 303 -0.15 -23.99 2.39
N THR A 304 0.52 -24.29 3.51
CA THR A 304 1.61 -25.26 3.52
C THR A 304 1.19 -26.60 4.08
N ARG A 305 -0.05 -26.69 4.56
CA ARG A 305 -0.64 -27.93 5.05
C ARG A 305 -2.15 -27.79 4.95
N GLU A 306 -2.84 -28.90 5.17
CA GLU A 306 -4.28 -28.82 5.39
C GLU A 306 -4.52 -28.08 6.70
N VAL A 307 -5.53 -27.22 6.72
CA VAL A 307 -5.76 -26.31 7.84
C VAL A 307 -7.26 -26.07 8.00
N GLU A 308 -7.69 -25.94 9.24
CA GLU A 308 -9.03 -25.51 9.59
C GLU A 308 -9.00 -24.02 9.86
N LEU A 309 -9.82 -23.27 9.13
CA LEU A 309 -9.91 -21.83 9.29
C LEU A 309 -11.37 -21.44 9.36
N GLY A 310 -11.76 -20.78 10.45
CA GLY A 310 -13.15 -20.41 10.65
C GLY A 310 -14.10 -21.56 10.38
N GLY A 311 -13.79 -22.74 10.91
CA GLY A 311 -14.65 -23.89 10.75
C GLY A 311 -14.61 -24.57 9.40
N ALA A 312 -13.78 -24.10 8.47
CA ALA A 312 -13.65 -24.73 7.16
C ALA A 312 -12.28 -25.36 7.03
N VAL A 313 -12.20 -26.40 6.18
CA VAL A 313 -10.96 -27.14 5.97
C VAL A 313 -10.42 -26.80 4.59
N ILE A 314 -9.19 -26.32 4.55
CA ILE A 314 -8.50 -25.95 3.32
C ILE A 314 -7.32 -26.89 3.14
N GLY A 315 -7.18 -27.46 1.93
CA GLY A 315 -6.07 -28.36 1.66
C GLY A 315 -4.74 -27.65 1.52
N GLU A 316 -3.68 -28.45 1.49
CA GLU A 316 -2.32 -27.94 1.27
C GLU A 316 -2.20 -27.34 -0.13
N GLY A 317 -1.35 -26.32 -0.24
CA GLY A 317 -1.01 -25.80 -1.56
C GLY A 317 -2.09 -24.99 -2.21
N GLU A 318 -2.98 -24.39 -1.42
CA GLU A 318 -4.10 -23.62 -1.93
C GLU A 318 -3.83 -22.14 -1.72
N LYS A 319 -4.23 -21.33 -2.70
CA LYS A 319 -4.13 -19.87 -2.57
C LYS A 319 -5.32 -19.35 -1.77
N VAL A 320 -5.03 -18.42 -0.87
CA VAL A 320 -6.03 -17.80 -0.03
C VAL A 320 -5.96 -16.29 -0.26
N LEU A 321 -7.05 -15.72 -0.75
CA LEU A 321 -7.15 -14.30 -1.04
C LEU A 321 -7.73 -13.57 0.18
N MET A 322 -6.97 -12.60 0.70
CA MET A 322 -7.42 -11.79 1.84
C MET A 322 -7.93 -10.45 1.32
N PHE A 323 -9.11 -10.05 1.80
CA PHE A 323 -9.69 -8.75 1.47
C PHE A 323 -9.41 -7.79 2.64
N LEU A 324 -8.29 -7.05 2.53
N LEU A 324 -8.31 -7.04 2.53
CA LEU A 324 -7.91 -6.10 3.57
CA LEU A 324 -7.92 -6.12 3.59
C LEU A 324 -8.91 -4.96 3.71
C LEU A 324 -8.88 -4.94 3.72
N GLY A 325 -9.34 -4.39 2.58
CA GLY A 325 -10.30 -3.31 2.64
C GLY A 325 -11.62 -3.74 3.24
N SER A 326 -12.04 -4.98 2.94
CA SER A 326 -13.25 -5.53 3.55
C SER A 326 -13.09 -5.73 5.06
N ALA A 327 -11.95 -6.27 5.48
CA ALA A 327 -11.68 -6.45 6.90
C ALA A 327 -11.75 -5.11 7.63
N ASN A 328 -11.28 -4.05 6.98
CA ASN A 328 -11.28 -2.70 7.51
C ASN A 328 -12.67 -2.07 7.52
N ARG A 329 -13.67 -2.71 6.89
CA ARG A 329 -15.05 -2.22 6.90
C ARG A 329 -16.00 -3.21 7.57
N ASP A 330 -15.48 -4.25 8.22
CA ASP A 330 -16.32 -5.34 8.75
C ASP A 330 -17.06 -4.85 9.99
N PRO A 331 -18.41 -4.82 10.00
CA PRO A 331 -19.14 -4.35 11.19
C PRO A 331 -18.99 -5.27 12.40
N ARG A 332 -18.51 -6.51 12.20
CA ARG A 332 -18.21 -7.37 13.34
C ARG A 332 -17.07 -6.82 14.17
N ARG A 333 -16.21 -5.99 13.58
CA ARG A 333 -15.05 -5.40 14.24
C ARG A 333 -15.19 -3.92 14.49
N TRP A 334 -15.84 -3.17 13.60
CA TRP A 334 -15.82 -1.71 13.64
C TRP A 334 -17.21 -1.15 13.84
N SER A 335 -17.30 -0.09 14.65
N SER A 335 -17.30 -0.10 14.66
CA SER A 335 -18.54 0.67 14.78
CA SER A 335 -18.53 0.68 14.78
C SER A 335 -18.62 1.70 13.66
C SER A 335 -18.59 1.66 13.62
N ASP A 336 -19.76 1.75 12.98
CA ASP A 336 -19.97 2.64 11.85
C ASP A 336 -18.80 2.55 10.87
N PRO A 337 -18.53 1.35 10.34
CA PRO A 337 -17.32 1.16 9.52
C PRO A 337 -17.27 2.02 8.28
N ASP A 338 -18.42 2.38 7.73
CA ASP A 338 -18.49 3.14 6.50
C ASP A 338 -18.49 4.66 6.75
N LEU A 339 -18.14 5.09 7.95
CA LEU A 339 -17.96 6.51 8.23
C LEU A 339 -16.48 6.81 8.35
N TYR A 340 -16.06 7.98 7.85
CA TYR A 340 -14.69 8.47 7.98
C TYR A 340 -14.66 9.32 9.26
N ASP A 341 -13.92 8.88 10.27
CA ASP A 341 -13.94 9.53 11.59
C ASP A 341 -12.51 9.74 12.06
N ILE A 342 -12.05 11.00 12.04
CA ILE A 342 -10.63 11.27 12.28
C ILE A 342 -10.22 11.08 13.73
N THR A 343 -11.18 10.94 14.66
CA THR A 343 -10.84 10.60 16.03
C THR A 343 -11.09 9.14 16.38
N ARG A 344 -11.41 8.30 15.38
CA ARG A 344 -11.58 6.88 15.60
C ARG A 344 -10.32 6.26 16.21
N LYS A 345 -10.52 5.31 17.11
CA LYS A 345 -9.42 4.46 17.54
C LYS A 345 -9.12 3.45 16.43
N THR A 346 -8.06 3.71 15.65
CA THR A 346 -7.77 2.94 14.46
C THR A 346 -6.84 1.76 14.70
N SER A 347 -6.30 1.62 15.90
N SER A 347 -6.30 1.61 15.91
N SER A 347 -6.30 1.62 15.90
CA SER A 347 -5.37 0.53 16.19
CA SER A 347 -5.37 0.53 16.18
CA SER A 347 -5.35 0.53 16.16
C SER A 347 -6.02 -0.81 15.87
C SER A 347 -6.03 -0.81 15.86
C SER A 347 -6.01 -0.80 15.88
N GLY A 348 -5.31 -1.64 15.11
CA GLY A 348 -5.82 -2.92 14.72
C GLY A 348 -6.28 -2.99 13.27
N HIS A 349 -6.44 -1.86 12.59
CA HIS A 349 -6.76 -1.97 11.17
C HIS A 349 -5.64 -2.71 10.45
N VAL A 350 -5.99 -3.34 9.32
CA VAL A 350 -5.05 -4.16 8.56
C VAL A 350 -4.60 -3.50 7.26
N GLY A 351 -4.75 -2.18 7.13
CA GLY A 351 -4.33 -1.48 5.92
C GLY A 351 -2.83 -1.54 5.65
N PHE A 352 -2.02 -1.73 6.69
CA PHE A 352 -0.58 -1.95 6.55
C PHE A 352 -0.23 -3.43 6.80
N GLY A 353 -1.22 -4.31 6.80
CA GLY A 353 -0.97 -5.70 7.13
C GLY A 353 -0.94 -5.92 8.64
N SER A 354 -0.40 -7.07 9.03
CA SER A 354 -0.36 -7.45 10.44
C SER A 354 0.62 -8.60 10.60
N GLY A 355 1.35 -8.59 11.72
CA GLY A 355 2.31 -9.66 11.94
C GLY A 355 3.70 -9.45 11.35
N VAL A 356 4.36 -10.54 10.97
CA VAL A 356 5.79 -10.44 10.66
C VAL A 356 6.08 -9.64 9.40
N HIS A 357 5.16 -9.60 8.44
CA HIS A 357 5.33 -8.82 7.22
C HIS A 357 4.69 -7.43 7.29
N MET A 358 4.13 -7.05 8.43
CA MET A 358 3.43 -5.75 8.51
C MET A 358 4.33 -4.64 7.99
N CYS A 359 3.75 -3.76 7.16
CA CYS A 359 4.51 -2.79 6.36
C CYS A 359 5.78 -2.27 7.03
N VAL A 360 6.96 -2.60 6.49
CA VAL A 360 8.21 -2.11 7.06
C VAL A 360 8.41 -0.63 6.81
N GLY A 361 7.74 -0.05 5.81
CA GLY A 361 7.81 1.37 5.56
C GLY A 361 6.73 2.21 6.18
N GLN A 362 5.98 1.67 7.15
CA GLN A 362 4.83 2.39 7.69
C GLN A 362 5.22 3.74 8.29
N LEU A 363 6.43 3.87 8.84
CA LEU A 363 6.81 5.16 9.42
C LEU A 363 7.03 6.23 8.35
N VAL A 364 7.60 5.85 7.20
CA VAL A 364 7.70 6.76 6.06
C VAL A 364 6.31 7.15 5.56
N ALA A 365 5.43 6.16 5.38
CA ALA A 365 4.06 6.43 4.91
C ALA A 365 3.35 7.39 5.85
N ARG A 366 3.42 7.12 7.15
CA ARG A 366 2.71 7.97 8.10
C ARG A 366 3.32 9.36 8.17
N LEU A 367 4.64 9.46 8.02
CA LEU A 367 5.28 10.78 8.03
C LEU A 367 4.78 11.64 6.87
N GLU A 368 4.80 11.09 5.65
CA GLU A 368 4.29 11.81 4.48
C GLU A 368 2.85 12.20 4.66
N GLY A 369 2.01 11.26 5.08
CA GLY A 369 0.60 11.55 5.25
C GLY A 369 0.36 12.61 6.31
N GLU A 370 1.02 12.46 7.46
CA GLU A 370 0.87 13.44 8.53
C GLU A 370 1.24 14.84 8.07
N VAL A 371 2.43 15.01 7.48
CA VAL A 371 2.87 16.37 7.17
C VAL A 371 2.02 16.99 6.07
N MET A 372 1.53 16.19 5.13
CA MET A 372 0.62 16.73 4.11
C MET A 372 -0.70 17.16 4.74
N LEU A 373 -1.30 16.30 5.57
CA LEU A 373 -2.56 16.67 6.19
C LEU A 373 -2.40 17.84 7.15
N SER A 374 -1.23 17.97 7.79
CA SER A 374 -0.97 19.13 8.64
C SER A 374 -0.93 20.43 7.83
N ALA A 375 -0.25 20.40 6.68
CA ALA A 375 -0.24 21.55 5.78
C ALA A 375 -1.65 21.93 5.35
N LEU A 376 -2.47 20.95 4.95
CA LEU A 376 -3.85 21.25 4.58
C LEU A 376 -4.63 21.82 5.77
N ALA A 377 -4.42 21.25 6.96
CA ALA A 377 -5.18 21.68 8.12
C ALA A 377 -4.90 23.13 8.46
N ARG A 378 -3.67 23.56 8.24
CA ARG A 378 -3.26 24.91 8.61
C ARG A 378 -3.52 25.95 7.53
N LYS A 379 -3.62 25.55 6.27
CA LYS A 379 -3.63 26.47 5.15
C LYS A 379 -4.90 26.49 4.33
N VAL A 380 -5.77 25.49 4.43
CA VAL A 380 -6.92 25.35 3.56
C VAL A 380 -8.20 25.43 4.39
N ALA A 381 -9.17 26.22 3.90
CA ALA A 381 -10.47 26.31 4.55
C ALA A 381 -11.52 25.39 3.96
N ALA A 382 -11.41 25.04 2.69
CA ALA A 382 -12.40 24.16 2.08
C ALA A 382 -11.76 23.43 0.91
N ILE A 383 -12.25 22.21 0.68
CA ILE A 383 -11.84 21.36 -0.44
C ILE A 383 -13.13 20.90 -1.09
N ASP A 384 -13.38 21.38 -2.31
CA ASP A 384 -14.63 21.14 -3.00
C ASP A 384 -14.36 20.45 -4.33
N ILE A 385 -14.94 19.27 -4.52
CA ILE A 385 -14.82 18.60 -5.80
C ILE A 385 -15.48 19.47 -6.85
N ASP A 386 -14.77 19.71 -7.96
CA ASP A 386 -15.30 20.64 -8.96
C ASP A 386 -15.11 20.12 -10.38
N GLY A 387 -15.08 18.81 -10.55
CA GLY A 387 -14.95 18.20 -11.86
C GLY A 387 -15.22 16.72 -11.76
N PRO A 388 -15.24 16.03 -12.90
CA PRO A 388 -15.50 14.58 -12.89
C PRO A 388 -14.40 13.82 -12.18
N VAL A 389 -14.79 12.93 -11.29
CA VAL A 389 -13.85 12.07 -10.58
C VAL A 389 -13.66 10.80 -11.39
N LYS A 390 -12.40 10.41 -11.59
CA LYS A 390 -12.07 9.25 -12.42
C LYS A 390 -11.26 8.25 -11.61
N ARG A 391 -11.63 6.99 -11.67
CA ARG A 391 -10.95 5.98 -10.90
C ARG A 391 -9.79 5.39 -11.70
N ARG A 392 -8.78 4.95 -10.98
CA ARG A 392 -7.60 4.30 -11.56
C ARG A 392 -7.69 2.81 -11.23
N PHE A 393 -7.58 1.96 -12.24
CA PHE A 393 -7.82 0.53 -12.08
C PHE A 393 -6.49 -0.22 -11.96
N ASN A 394 -6.36 -1.03 -10.91
CA ASN A 394 -5.20 -1.87 -10.66
C ASN A 394 -5.68 -3.12 -9.96
N ASN A 395 -4.99 -4.24 -10.18
CA ASN A 395 -5.46 -5.51 -9.62
C ASN A 395 -5.40 -5.53 -8.10
N THR A 396 -4.53 -4.76 -7.48
CA THR A 396 -4.47 -4.76 -6.01
C THR A 396 -4.49 -3.38 -5.35
N LEU A 397 -4.17 -2.30 -6.06
CA LEU A 397 -4.23 -0.96 -5.47
C LEU A 397 -5.57 -0.29 -5.76
N ARG A 398 -6.09 0.44 -4.76
CA ARG A 398 -7.30 1.22 -4.94
C ARG A 398 -6.93 2.70 -4.90
N GLY A 399 -7.38 3.45 -5.89
CA GLY A 399 -7.17 4.88 -5.85
C GLY A 399 -7.72 5.55 -7.08
N LEU A 400 -7.53 6.86 -7.14
CA LEU A 400 -8.12 7.63 -8.21
C LEU A 400 -7.09 8.02 -9.25
N GLU A 401 -7.57 8.23 -10.47
CA GLU A 401 -6.82 8.77 -11.60
C GLU A 401 -6.87 10.28 -11.62
N SER A 402 -8.03 10.85 -11.33
CA SER A 402 -8.22 12.29 -11.37
C SER A 402 -9.22 12.71 -10.28
N LEU A 403 -8.87 13.76 -9.54
CA LEU A 403 -9.72 14.28 -8.48
C LEU A 403 -9.68 15.80 -8.54
N PRO A 404 -10.49 16.40 -9.42
CA PRO A 404 -10.50 17.88 -9.53
C PRO A 404 -11.13 18.51 -8.30
N VAL A 405 -10.38 19.41 -7.66
CA VAL A 405 -10.85 20.09 -6.46
C VAL A 405 -10.51 21.58 -6.56
N LYS A 406 -11.34 22.38 -5.94
CA LYS A 406 -10.99 23.77 -5.66
C LYS A 406 -10.58 23.86 -4.19
N LEU A 407 -9.39 24.43 -3.95
CA LEU A 407 -8.87 24.66 -2.61
C LEU A 407 -9.11 26.13 -2.26
N THR A 408 -9.84 26.37 -1.16
CA THR A 408 -10.01 27.75 -0.69
C THR A 408 -9.03 28.02 0.44
N PRO A 409 -8.26 29.11 0.37
CA PRO A 409 -7.30 29.40 1.45
C PRO A 409 -7.98 29.79 2.75
N ALA A 410 -7.33 29.44 3.86
CA ALA A 410 -7.83 29.77 5.18
C ALA A 410 -7.72 31.27 5.41
#